data_3O66
#
_entry.id   3O66
#
_cell.length_a   53.192
_cell.length_b   114.039
_cell.length_c   55.887
_cell.angle_alpha   90.00
_cell.angle_beta   109.28
_cell.angle_gamma   90.00
#
_symmetry.space_group_name_H-M   'P 1 21 1'
#
loop_
_entity.id
_entity.type
_entity.pdbx_description
1 polymer 'Glycine betaine/carnitine/choline ABC transporter'
2 non-polymer 'TRIETHYLENE GLYCOL'
3 non-polymer 'ACETATE ION'
4 water water
#
_entity_poly.entity_id   1
_entity_poly.type   'polypeptide(L)'
_entity_poly.pdbx_seq_one_letter_code
;SNASKSTKNDVKITALSTSESQIISH(MSE)LRLLIEHDTHGKIKPTLVNNLGSSTIQHNALINGDANISGVRYNGTDLT
GALKEAPIKDPKKA(MSE)IATQQGFKKKFDQTFFDSYGFANTYAF(MSE)VTKETAKKYHLETVSDLAKHSKDLRLG
(MSE)DSSW(MSE)NRKGDGYEGFKKEYGFDFGTVRP(MSE)QIGLVYDALNTEKLDVALGYSTDGRIAAYDLKVLKDDK
QFFPPYAASAVATNELLRQHPELKTTINKLTGKISTSE(MSE)QRLNYEADGKGKEPAVVAEEFLKKHHYFD
;
_entity_poly.pdbx_strand_id   A,B
#
# COMPACT_ATOMS: atom_id res chain seq x y z
N THR A 7 -10.44 -3.64 -21.88
CA THR A 7 -11.00 -4.00 -23.25
C THR A 7 -12.53 -3.80 -23.27
N LYS A 8 -13.35 -4.84 -23.38
CA LYS A 8 -14.82 -4.73 -23.19
C LYS A 8 -15.45 -6.13 -23.05
N ASN A 9 -16.25 -6.34 -21.99
CA ASN A 9 -16.79 -7.70 -21.68
C ASN A 9 -17.46 -7.78 -20.28
N ASP A 10 -17.48 -8.98 -19.69
N ASP A 10 -17.61 -9.00 -19.77
CA ASP A 10 -18.41 -9.36 -18.64
CA ASP A 10 -18.43 -9.26 -18.60
C ASP A 10 -17.72 -9.70 -17.30
C ASP A 10 -17.55 -9.56 -17.40
N VAL A 11 -17.74 -8.77 -16.35
CA VAL A 11 -17.05 -8.95 -15.08
C VAL A 11 -18.09 -8.90 -13.96
N LYS A 12 -18.07 -9.92 -13.13
CA LYS A 12 -18.93 -9.97 -11.98
C LYS A 12 -18.08 -10.31 -10.74
N ILE A 13 -18.26 -9.50 -9.70
CA ILE A 13 -17.45 -9.53 -8.50
C ILE A 13 -18.31 -10.00 -7.32
N THR A 14 -17.90 -11.09 -6.70
CA THR A 14 -18.65 -11.57 -5.56
C THR A 14 -18.37 -10.69 -4.34
N ALA A 15 -19.43 -10.43 -3.57
CA ALA A 15 -19.29 -9.69 -2.33
C ALA A 15 -20.11 -10.34 -1.23
N LEU A 16 -19.56 -10.34 -0.02
CA LEU A 16 -20.24 -10.82 1.17
C LEU A 16 -21.18 -9.70 1.61
N SER A 17 -22.05 -9.98 2.58
CA SER A 17 -22.88 -8.92 3.19
C SER A 17 -22.14 -7.97 4.14
N THR A 18 -20.83 -8.14 4.30
CA THR A 18 -20.04 -7.33 5.23
C THR A 18 -19.66 -6.03 4.54
N SER A 19 -19.56 -4.95 5.29
CA SER A 19 -19.15 -3.66 4.70
C SER A 19 -17.77 -3.77 4.08
N GLU A 20 -16.90 -4.52 4.74
CA GLU A 20 -15.56 -4.71 4.26
C GLU A 20 -15.51 -5.26 2.82
N SER A 21 -16.21 -6.37 2.61
CA SER A 21 -16.30 -6.96 1.27
C SER A 21 -16.95 -6.00 0.28
N GLN A 22 -17.99 -5.30 0.72
CA GLN A 22 -18.69 -4.38 -0.19
C GLN A 22 -17.81 -3.18 -0.58
N ILE A 23 -17.10 -2.62 0.39
CA ILE A 23 -16.13 -1.53 0.11
C ILE A 23 -15.10 -1.95 -0.96
N ILE A 24 -14.39 -3.05 -0.70
N ILE A 24 -14.38 -3.04 -0.66
CA ILE A 24 -13.34 -3.51 -1.63
CA ILE A 24 -13.36 -3.63 -1.56
C ILE A 24 -13.91 -4.00 -2.97
C ILE A 24 -13.97 -3.92 -2.93
N SER A 25 -15.09 -4.64 -2.95
CA SER A 25 -15.75 -5.01 -4.24
C SER A 25 -16.13 -3.80 -5.08
N HIS A 26 -16.63 -2.76 -4.42
CA HIS A 26 -16.98 -1.56 -5.16
C HIS A 26 -15.74 -0.84 -5.61
N LEU A 28 -12.90 -2.28 -6.56
CA LEU A 28 -12.48 -2.98 -7.79
C LEU A 28 -13.37 -2.59 -8.95
N ARG A 29 -14.68 -2.47 -8.70
CA ARG A 29 -15.62 -2.15 -9.79
C ARG A 29 -15.28 -0.77 -10.36
N LEU A 30 -15.10 0.19 -9.46
CA LEU A 30 -14.81 1.56 -9.87
C LEU A 30 -13.44 1.70 -10.51
N LEU A 31 -12.48 0.93 -10.00
CA LEU A 31 -11.13 1.03 -10.52
C LEU A 31 -11.08 0.43 -11.92
N ILE A 32 -11.79 -0.69 -12.13
CA ILE A 32 -11.87 -1.29 -13.48
C ILE A 32 -12.57 -0.34 -14.44
N GLU A 33 -13.69 0.24 -14.02
CA GLU A 33 -14.33 1.27 -14.87
C GLU A 33 -13.33 2.35 -15.22
N HIS A 34 -12.59 2.82 -14.23
CA HIS A 34 -11.63 3.91 -14.43
C HIS A 34 -10.52 3.52 -15.42
N ASP A 35 -9.83 2.40 -15.14
CA ASP A 35 -8.71 1.99 -16.00
C ASP A 35 -9.12 1.66 -17.44
N THR A 36 -10.35 1.18 -17.63
CA THR A 36 -10.82 0.77 -18.97
C THR A 36 -11.65 1.85 -19.64
N HIS A 37 -11.68 3.04 -19.04
CA HIS A 37 -12.48 4.16 -19.54
C HIS A 37 -13.92 3.78 -19.84
N GLY A 38 -14.54 3.00 -18.95
CA GLY A 38 -15.93 2.58 -19.12
C GLY A 38 -16.18 1.41 -20.08
N LYS A 39 -15.12 0.89 -20.70
CA LYS A 39 -15.26 -0.28 -21.57
C LYS A 39 -15.69 -1.54 -20.81
N ILE A 40 -15.18 -1.70 -19.59
CA ILE A 40 -15.67 -2.76 -18.73
C ILE A 40 -16.37 -2.12 -17.51
N LYS A 41 -17.63 -2.51 -17.30
CA LYS A 41 -18.45 -2.01 -16.21
C LYS A 41 -18.86 -3.20 -15.36
N PRO A 42 -18.05 -3.51 -14.35
CA PRO A 42 -18.35 -4.72 -13.59
C PRO A 42 -19.62 -4.57 -12.75
N THR A 43 -20.28 -5.68 -12.42
CA THR A 43 -21.38 -5.65 -11.47
C THR A 43 -21.06 -6.60 -10.31
N LEU A 44 -21.78 -6.44 -9.21
CA LEU A 44 -21.51 -7.25 -8.04
C LEU A 44 -22.52 -8.37 -7.93
N VAL A 45 -22.04 -9.52 -7.44
CA VAL A 45 -22.91 -10.60 -6.96
C VAL A 45 -22.83 -10.47 -5.45
N ASN A 46 -23.79 -9.72 -4.92
CA ASN A 46 -23.70 -9.14 -3.59
C ASN A 46 -24.43 -9.98 -2.56
N ASN A 47 -24.18 -9.65 -1.29
CA ASN A 47 -24.82 -10.26 -0.11
C ASN A 47 -24.66 -11.78 0.03
N LEU A 48 -23.49 -12.29 -0.35
CA LEU A 48 -23.27 -13.74 -0.25
C LEU A 48 -22.93 -14.09 1.19
N GLY A 49 -23.30 -15.31 1.60
CA GLY A 49 -23.28 -15.69 3.01
C GLY A 49 -21.92 -16.07 3.59
N SER A 50 -21.00 -16.50 2.73
CA SER A 50 -19.66 -16.99 3.15
C SER A 50 -18.71 -17.03 1.98
N SER A 51 -17.43 -17.29 2.26
CA SER A 51 -16.48 -17.48 1.19
C SER A 51 -16.64 -18.84 0.46
N THR A 52 -17.31 -19.81 1.09
CA THR A 52 -17.75 -20.98 0.33
C THR A 52 -18.69 -20.56 -0.81
N ILE A 53 -19.61 -19.65 -0.52
CA ILE A 53 -20.54 -19.18 -1.55
C ILE A 53 -19.77 -18.38 -2.61
N GLN A 54 -18.80 -17.57 -2.17
CA GLN A 54 -17.98 -16.82 -3.14
C GLN A 54 -17.27 -17.78 -4.05
N HIS A 55 -16.64 -18.81 -3.45
CA HIS A 55 -15.83 -19.78 -4.17
C HIS A 55 -16.66 -20.52 -5.21
N ASN A 56 -17.82 -21.01 -4.78
CA ASN A 56 -18.71 -21.76 -5.64
C ASN A 56 -19.18 -20.91 -6.81
N ALA A 57 -19.45 -19.62 -6.58
CA ALA A 57 -19.75 -18.73 -7.69
C ALA A 57 -18.64 -18.70 -8.76
N LEU A 58 -17.38 -18.58 -8.36
CA LEU A 58 -16.29 -18.54 -9.35
C LEU A 58 -16.16 -19.89 -10.06
N ILE A 59 -16.27 -20.96 -9.28
CA ILE A 59 -16.12 -22.29 -9.83
C ILE A 59 -17.25 -22.59 -10.82
N ASN A 60 -18.45 -22.08 -10.53
CA ASN A 60 -19.61 -22.35 -11.38
C ASN A 60 -19.81 -21.41 -12.55
N GLY A 61 -18.96 -20.41 -12.65
CA GLY A 61 -19.02 -19.43 -13.75
C GLY A 61 -20.03 -18.33 -13.48
N ASP A 62 -20.51 -18.24 -12.23
CA ASP A 62 -21.48 -17.22 -11.85
C ASP A 62 -20.87 -15.84 -11.61
N ALA A 63 -19.56 -15.84 -11.37
CA ALA A 63 -18.76 -14.63 -11.26
C ALA A 63 -17.34 -14.98 -11.58
N ASN A 64 -16.52 -13.94 -11.80
CA ASN A 64 -15.13 -14.21 -12.13
C ASN A 64 -14.10 -13.46 -11.31
N ILE A 65 -14.56 -12.64 -10.35
CA ILE A 65 -13.67 -11.96 -9.38
C ILE A 65 -14.35 -12.10 -8.00
N SER A 66 -13.57 -12.38 -6.96
CA SER A 66 -14.00 -12.17 -5.57
C SER A 66 -13.31 -10.91 -5.06
N GLY A 67 -14.08 -9.95 -4.53
CA GLY A 67 -13.49 -8.68 -4.07
C GLY A 67 -12.46 -8.94 -2.96
N VAL A 68 -12.84 -9.79 -2.01
CA VAL A 68 -11.97 -10.08 -0.87
C VAL A 68 -12.13 -11.53 -0.44
N ARG A 69 -10.99 -12.19 -0.29
CA ARG A 69 -10.89 -13.53 0.20
C ARG A 69 -9.79 -13.51 1.22
N TYR A 70 -9.86 -14.41 2.20
CA TYR A 70 -8.86 -14.42 3.26
C TYR A 70 -8.08 -15.70 3.18
N ASN A 71 -6.74 -15.61 3.16
CA ASN A 71 -5.96 -16.83 2.83
C ASN A 71 -6.15 -18.03 3.76
N GLY A 72 -6.15 -17.78 5.09
CA GLY A 72 -6.36 -18.88 6.02
C GLY A 72 -7.72 -19.56 5.86
N THR A 73 -8.72 -18.79 5.44
CA THR A 73 -10.04 -19.37 5.22
C THR A 73 -9.98 -20.26 3.99
N ASP A 74 -9.41 -19.73 2.92
CA ASP A 74 -9.43 -20.48 1.66
C ASP A 74 -8.44 -21.66 1.59
N LEU A 75 -7.35 -21.57 2.35
CA LEU A 75 -6.38 -22.65 2.45
C LEU A 75 -6.95 -23.91 3.11
N THR A 76 -7.73 -23.75 4.18
CA THR A 76 -8.33 -24.92 4.82
C THR A 76 -9.74 -25.23 4.31
N GLY A 77 -10.39 -24.24 3.69
CA GLY A 77 -11.72 -24.42 3.15
C GLY A 77 -11.60 -24.95 1.73
N ALA A 78 -11.65 -24.06 0.75
CA ALA A 78 -11.69 -24.46 -0.65
C ALA A 78 -10.54 -25.40 -1.03
N LEU A 79 -9.32 -25.10 -0.56
CA LEU A 79 -8.16 -25.91 -0.93
C LEU A 79 -8.06 -27.21 -0.14
N LYS A 80 -8.78 -27.32 0.97
N LYS A 80 -8.78 -27.29 0.97
CA LYS A 80 -8.83 -28.56 1.77
CA LYS A 80 -8.82 -28.48 1.83
C LYS A 80 -7.45 -28.95 2.35
C LYS A 80 -7.43 -28.93 2.24
N GLU A 81 -6.60 -27.96 2.63
CA GLU A 81 -5.23 -28.23 3.08
C GLU A 81 -5.12 -28.00 4.58
N ALA A 82 -4.00 -28.42 5.17
CA ALA A 82 -3.71 -28.14 6.57
C ALA A 82 -3.39 -26.64 6.76
N PRO A 83 -3.75 -26.06 7.92
CA PRO A 83 -3.38 -24.66 8.16
C PRO A 83 -1.86 -24.48 8.24
N ILE A 84 -1.36 -23.35 7.76
CA ILE A 84 0.07 -23.00 7.89
C ILE A 84 0.16 -21.74 8.77
N LYS A 85 0.98 -21.76 9.82
CA LYS A 85 1.07 -20.56 10.70
C LYS A 85 1.90 -19.41 10.15
N ASP A 86 3.01 -19.71 9.47
CA ASP A 86 3.91 -18.67 8.94
C ASP A 86 3.20 -17.83 7.85
N PRO A 87 3.26 -16.49 7.95
CA PRO A 87 2.53 -15.68 6.95
C PRO A 87 2.97 -15.93 5.48
N LYS A 88 4.27 -15.81 5.21
CA LYS A 88 4.78 -16.02 3.86
C LYS A 88 4.47 -17.41 3.29
N LYS A 89 4.70 -18.47 4.05
CA LYS A 89 4.48 -19.83 3.53
C LYS A 89 2.97 -20.15 3.38
N ALA A 90 2.14 -19.57 4.24
CA ALA A 90 0.69 -19.72 4.10
C ALA A 90 0.22 -19.07 2.80
N ILE A 92 2.04 -18.38 0.01
CA ILE A 92 2.58 -19.17 -1.10
C ILE A 92 1.73 -20.44 -1.34
N ALA A 93 1.42 -21.17 -0.28
CA ALA A 93 0.57 -22.37 -0.39
C ALA A 93 -0.81 -22.02 -0.95
N THR A 94 -1.38 -20.90 -0.52
CA THR A 94 -2.68 -20.46 -1.04
C THR A 94 -2.63 -20.10 -2.54
N GLN A 95 -1.62 -19.36 -2.94
CA GLN A 95 -1.53 -18.93 -4.34
C GLN A 95 -1.27 -20.10 -5.29
N GLN A 96 -0.41 -21.02 -4.86
CA GLN A 96 -0.04 -22.21 -5.66
C GLN A 96 -1.30 -23.10 -5.81
N GLY A 97 -2.02 -23.29 -4.71
CA GLY A 97 -3.25 -24.07 -4.70
C GLY A 97 -4.35 -23.52 -5.60
N PHE A 98 -4.60 -22.21 -5.53
CA PHE A 98 -5.63 -21.60 -6.41
C PHE A 98 -5.28 -21.73 -7.90
N LYS A 99 -4.00 -21.58 -8.21
CA LYS A 99 -3.54 -21.78 -9.56
C LYS A 99 -3.74 -23.22 -10.04
N LYS A 100 -3.25 -24.19 -9.27
N LYS A 100 -3.28 -24.17 -9.24
CA LYS A 100 -3.24 -25.57 -9.74
CA LYS A 100 -3.23 -25.55 -9.68
C LYS A 100 -4.59 -26.28 -9.62
C LYS A 100 -4.59 -26.27 -9.62
N LYS A 101 -5.35 -25.98 -8.58
CA LYS A 101 -6.65 -26.65 -8.38
C LYS A 101 -7.79 -25.97 -9.11
N PHE A 102 -7.74 -24.64 -9.21
CA PHE A 102 -8.91 -23.89 -9.68
C PHE A 102 -8.64 -22.94 -10.85
N ASP A 103 -7.40 -22.91 -11.35
CA ASP A 103 -7.04 -22.00 -12.44
C ASP A 103 -7.41 -20.55 -12.10
N GLN A 104 -7.04 -20.14 -10.88
CA GLN A 104 -7.35 -18.80 -10.38
C GLN A 104 -6.11 -18.16 -9.79
N THR A 105 -6.08 -16.83 -9.85
CA THR A 105 -5.03 -16.06 -9.25
C THR A 105 -5.53 -15.52 -7.91
N PHE A 106 -4.90 -15.97 -6.84
CA PHE A 106 -5.15 -15.40 -5.51
C PHE A 106 -4.07 -14.31 -5.38
N PHE A 107 -4.47 -13.03 -5.44
CA PHE A 107 -3.49 -11.92 -5.51
C PHE A 107 -2.69 -11.76 -4.23
N ASP A 108 -1.55 -11.10 -4.35
CA ASP A 108 -0.84 -10.60 -3.17
C ASP A 108 -1.83 -9.75 -2.34
N SER A 109 -1.61 -9.68 -1.03
CA SER A 109 -2.57 -9.05 -0.15
C SER A 109 -2.76 -7.57 -0.37
N TYR A 110 -4.00 -7.13 -0.17
CA TYR A 110 -4.31 -5.70 -0.05
C TYR A 110 -3.44 -4.97 0.98
N GLY A 111 -2.98 -5.70 2.01
CA GLY A 111 -2.10 -5.14 3.04
C GLY A 111 -2.68 -5.25 4.44
N PHE A 112 -3.89 -5.81 4.54
CA PHE A 112 -4.48 -6.07 5.84
C PHE A 112 -4.81 -7.57 6.04
N ALA A 113 -4.97 -7.94 7.31
CA ALA A 113 -5.51 -9.23 7.74
C ALA A 113 -6.77 -9.03 8.61
N ASN A 114 -7.78 -9.85 8.36
CA ASN A 114 -9.04 -9.87 9.11
C ASN A 114 -9.10 -11.18 9.89
N THR A 115 -8.62 -11.10 11.13
CA THR A 115 -8.46 -12.26 11.97
C THR A 115 -9.05 -12.01 13.36
N TYR A 116 -9.36 -13.09 14.07
CA TYR A 116 -9.58 -12.97 15.51
C TYR A 116 -8.29 -12.37 16.07
N ALA A 117 -8.46 -11.44 17.00
CA ALA A 117 -7.36 -10.79 17.66
C ALA A 117 -7.84 -10.29 19.01
N PHE A 118 -6.95 -10.36 19.99
CA PHE A 118 -7.21 -9.83 21.31
C PHE A 118 -6.99 -8.34 21.27
N VAL A 120 -7.79 -4.36 23.48
CA VAL A 120 -8.04 -3.64 24.74
C VAL A 120 -8.27 -2.17 24.45
N THR A 121 -8.71 -1.41 25.44
CA THR A 121 -8.78 0.04 25.26
C THR A 121 -7.37 0.66 25.35
N LYS A 122 -7.22 1.90 24.89
N LYS A 122 -7.22 1.84 24.77
CA LYS A 122 -5.98 2.63 25.06
CA LYS A 122 -5.95 2.56 24.81
C LYS A 122 -5.60 2.83 26.52
C LYS A 122 -5.50 2.72 26.26
N GLU A 123 -6.58 3.06 27.40
N GLU A 123 -6.43 3.06 27.15
CA GLU A 123 -6.24 3.23 28.83
CA GLU A 123 -6.09 3.20 28.58
C GLU A 123 -5.71 1.92 29.45
C GLU A 123 -5.54 1.90 29.21
N THR A 124 -6.28 0.80 29.04
CA THR A 124 -5.82 -0.51 29.52
C THR A 124 -4.43 -0.85 28.95
N ALA A 125 -4.21 -0.57 27.67
CA ALA A 125 -2.90 -0.84 27.07
C ALA A 125 -1.79 -0.03 27.76
N LYS A 126 -2.12 1.20 28.19
N LYS A 126 -2.11 1.19 28.21
CA LYS A 126 -1.15 2.03 28.90
CA LYS A 126 -1.13 2.03 28.89
C LYS A 126 -0.89 1.53 30.30
C LYS A 126 -0.91 1.62 30.34
N LYS A 127 -1.95 1.12 30.99
CA LYS A 127 -1.89 0.72 32.39
C LYS A 127 -0.98 -0.50 32.56
N TYR A 128 -1.10 -1.42 31.61
CA TYR A 128 -0.44 -2.72 31.70
C TYR A 128 0.68 -2.90 30.66
N HIS A 129 0.99 -1.83 29.92
CA HIS A 129 2.05 -1.83 28.91
C HIS A 129 1.92 -2.96 27.90
N LEU A 130 0.76 -2.99 27.23
CA LEU A 130 0.39 -4.11 26.37
C LEU A 130 0.69 -3.88 24.89
N GLU A 131 1.46 -4.78 24.30
CA GLU A 131 1.71 -4.78 22.86
C GLU A 131 1.37 -6.13 22.23
N THR A 132 1.64 -7.18 22.98
CA THR A 132 1.46 -8.55 22.49
C THR A 132 0.48 -9.28 23.39
N VAL A 133 -0.01 -10.42 22.90
CA VAL A 133 -0.92 -11.24 23.68
C VAL A 133 -0.19 -11.77 24.91
N SER A 134 1.08 -12.15 24.74
CA SER A 134 1.88 -12.56 25.92
C SER A 134 1.98 -11.47 27.03
N ASP A 135 1.93 -10.18 26.66
CA ASP A 135 1.96 -9.11 27.67
C ASP A 135 0.82 -9.21 28.68
N LEU A 136 -0.25 -9.92 28.32
CA LEU A 136 -1.36 -10.14 29.24
C LEU A 136 -1.04 -11.11 30.39
N ALA A 137 -0.01 -11.95 30.22
CA ALA A 137 0.25 -13.07 31.14
C ALA A 137 0.19 -12.71 32.63
N LYS A 138 0.89 -11.64 33.03
CA LYS A 138 0.99 -11.28 34.47
C LYS A 138 -0.34 -10.84 35.07
N HIS A 139 -1.24 -10.40 34.20
CA HIS A 139 -2.39 -9.61 34.63
C HIS A 139 -3.72 -10.30 34.39
N SER A 140 -3.68 -11.37 33.59
CA SER A 140 -4.92 -11.95 33.05
C SER A 140 -5.87 -12.47 34.14
N LYS A 141 -5.29 -12.91 35.27
CA LYS A 141 -6.05 -13.45 36.40
C LYS A 141 -7.02 -12.44 36.99
N ASP A 142 -6.74 -11.17 36.79
CA ASP A 142 -7.57 -10.09 37.33
C ASP A 142 -8.41 -9.42 36.23
N LEU A 143 -8.40 -9.98 35.02
CA LEU A 143 -9.06 -9.32 33.88
C LEU A 143 -10.32 -10.07 33.39
N ARG A 144 -11.26 -9.33 32.79
CA ARG A 144 -12.47 -9.89 32.18
C ARG A 144 -12.27 -9.98 30.66
N LEU A 145 -12.34 -11.21 30.12
CA LEU A 145 -12.33 -11.49 28.67
C LEU A 145 -13.74 -11.72 28.08
N GLY A 146 -14.04 -11.05 26.97
CA GLY A 146 -15.25 -11.33 26.15
C GLY A 146 -14.79 -11.96 24.85
N ASP A 148 -16.45 -14.39 21.15
CA ASP A 148 -17.58 -15.03 20.48
C ASP A 148 -17.95 -16.34 21.19
N SER A 149 -19.24 -16.60 21.38
CA SER A 149 -19.67 -17.89 21.96
C SER A 149 -19.15 -19.14 21.20
N SER A 150 -19.01 -19.07 19.87
CA SER A 150 -18.52 -20.25 19.12
C SER A 150 -17.05 -20.60 19.43
N TRP A 151 -16.37 -19.72 20.15
CA TRP A 151 -14.94 -19.90 20.46
C TRP A 151 -14.65 -20.70 21.74
N ASN A 153 -15.40 -23.58 22.38
CA ASN A 153 -14.99 -24.89 21.83
C ASN A 153 -14.12 -24.77 20.58
N GLY A 156 -10.23 -27.58 19.26
CA GLY A 156 -8.80 -27.53 19.61
C GLY A 156 -8.15 -26.18 19.34
N ASP A 157 -8.79 -25.34 18.52
CA ASP A 157 -8.27 -23.99 18.27
C ASP A 157 -9.13 -22.89 18.91
N GLY A 158 -9.84 -23.26 19.98
CA GLY A 158 -10.64 -22.33 20.77
C GLY A 158 -9.92 -21.98 22.07
N TYR A 159 -10.71 -21.63 23.09
CA TYR A 159 -10.16 -21.15 24.37
C TYR A 159 -9.23 -22.16 25.08
N GLU A 160 -9.60 -23.45 25.08
CA GLU A 160 -8.76 -24.46 25.73
C GLU A 160 -7.38 -24.52 25.11
N GLY A 161 -7.33 -24.52 23.78
CA GLY A 161 -6.07 -24.52 23.04
C GLY A 161 -5.26 -23.26 23.26
N PHE A 162 -5.95 -22.11 23.37
CA PHE A 162 -5.29 -20.84 23.61
C PHE A 162 -4.60 -20.82 24.97
N LYS A 163 -5.30 -21.33 25.99
CA LYS A 163 -4.77 -21.41 27.37
C LYS A 163 -3.51 -22.28 27.42
N LYS A 164 -3.55 -23.41 26.70
CA LYS A 164 -2.41 -24.31 26.62
C LYS A 164 -1.21 -23.64 25.93
N GLU A 165 -1.45 -23.08 24.74
CA GLU A 165 -0.45 -22.34 23.96
C GLU A 165 0.17 -21.15 24.70
N TYR A 166 -0.68 -20.24 25.17
CA TYR A 166 -0.18 -19.01 25.77
C TYR A 166 0.22 -19.13 27.25
N GLY A 167 -0.34 -20.10 27.96
CA GLY A 167 0.12 -20.39 29.33
C GLY A 167 -0.48 -19.52 30.41
N PHE A 168 -1.65 -18.94 30.14
CA PHE A 168 -2.38 -18.17 31.14
C PHE A 168 -3.90 -18.21 30.91
N ASP A 169 -4.66 -17.78 31.92
CA ASP A 169 -6.10 -17.70 31.74
C ASP A 169 -6.70 -16.47 32.40
N PHE A 170 -7.98 -16.25 32.14
CA PHE A 170 -8.59 -15.02 32.56
C PHE A 170 -9.40 -15.18 33.82
N GLY A 171 -9.50 -14.09 34.59
CA GLY A 171 -10.24 -14.11 35.86
C GLY A 171 -11.71 -14.39 35.64
N THR A 172 -12.25 -13.78 34.59
CA THR A 172 -13.62 -13.96 34.15
C THR A 172 -13.62 -14.13 32.63
N VAL A 173 -14.44 -15.06 32.13
CA VAL A 173 -14.70 -15.15 30.67
C VAL A 173 -16.20 -14.96 30.39
N ARG A 174 -16.50 -14.30 29.30
CA ARG A 174 -17.87 -14.00 28.93
C ARG A 174 -18.07 -14.35 27.44
N PRO A 175 -18.59 -15.56 27.15
CA PRO A 175 -18.89 -15.89 25.73
C PRO A 175 -20.15 -15.16 25.28
N GLN A 177 -22.05 -12.50 21.72
CA GLN A 177 -22.04 -12.12 20.29
C GLN A 177 -20.82 -11.28 19.98
N ILE A 178 -20.04 -11.73 19.00
CA ILE A 178 -18.79 -11.07 18.63
C ILE A 178 -19.05 -9.58 18.29
N GLY A 179 -20.18 -9.32 17.64
CA GLY A 179 -20.58 -7.96 17.25
C GLY A 179 -20.66 -6.97 18.41
N LEU A 180 -20.88 -7.50 19.61
CA LEU A 180 -21.05 -6.69 20.83
C LEU A 180 -19.79 -6.51 21.71
N VAL A 181 -18.67 -7.16 21.39
CA VAL A 181 -17.46 -7.09 22.22
C VAL A 181 -16.80 -5.70 22.19
N TYR A 182 -16.95 -4.97 21.08
CA TYR A 182 -16.31 -3.64 20.92
C TYR A 182 -16.90 -2.64 21.87
N ASP A 183 -18.23 -2.57 21.92
CA ASP A 183 -18.91 -1.67 22.85
C ASP A 183 -18.76 -2.12 24.31
N ALA A 184 -18.74 -3.44 24.55
CA ALA A 184 -18.52 -3.96 25.91
C ALA A 184 -17.12 -3.57 26.42
N LEU A 185 -16.15 -3.56 25.54
CA LEU A 185 -14.80 -3.07 25.88
C LEU A 185 -14.81 -1.53 26.08
N ASN A 186 -15.49 -0.81 25.19
CA ASN A 186 -15.54 0.63 25.24
C ASN A 186 -16.21 1.12 26.52
N THR A 187 -17.21 0.38 26.98
CA THR A 187 -17.97 0.75 28.18
C THR A 187 -17.37 0.16 29.45
N GLU A 188 -16.24 -0.54 29.30
CA GLU A 188 -15.48 -1.11 30.42
C GLU A 188 -16.22 -2.26 31.11
N LYS A 189 -17.17 -2.89 30.39
CA LYS A 189 -17.74 -4.17 30.82
C LYS A 189 -16.77 -5.34 30.60
N LEU A 190 -15.77 -5.14 29.73
CA LEU A 190 -14.69 -6.10 29.55
C LEU A 190 -13.35 -5.36 29.69
N ASP A 191 -12.29 -6.11 29.98
CA ASP A 191 -10.95 -5.56 29.95
C ASP A 191 -10.24 -5.95 28.66
N VAL A 192 -10.61 -7.12 28.14
CA VAL A 192 -10.02 -7.69 26.93
C VAL A 192 -11.14 -8.35 26.10
N ALA A 193 -11.07 -8.21 24.76
CA ALA A 193 -12.04 -8.80 23.86
C ALA A 193 -11.26 -9.57 22.80
N LEU A 194 -11.80 -10.72 22.39
CA LEU A 194 -11.33 -11.36 21.18
C LEU A 194 -12.27 -10.92 20.05
N GLY A 195 -11.81 -10.00 19.23
CA GLY A 195 -12.69 -9.32 18.22
C GLY A 195 -12.13 -9.60 16.84
N TYR A 196 -12.72 -9.04 15.80
CA TYR A 196 -12.12 -9.12 14.47
C TYR A 196 -11.20 -7.91 14.27
N SER A 197 -10.05 -8.14 13.68
CA SER A 197 -8.97 -7.12 13.64
C SER A 197 -9.23 -5.94 12.70
N THR A 198 -10.29 -5.97 11.89
CA THR A 198 -10.56 -4.83 11.01
C THR A 198 -11.87 -4.09 11.34
N ASP A 199 -12.50 -4.47 12.46
CA ASP A 199 -13.79 -3.85 12.79
C ASP A 199 -13.65 -2.32 12.90
N GLY A 200 -14.54 -1.59 12.25
CA GLY A 200 -14.51 -0.13 12.32
C GLY A 200 -14.52 0.46 13.72
N ARG A 201 -15.05 -0.27 14.68
CA ARG A 201 -15.11 0.27 16.04
C ARG A 201 -13.72 0.35 16.65
N ILE A 202 -12.78 -0.39 16.09
CA ILE A 202 -11.39 -0.27 16.54
C ILE A 202 -10.92 1.16 16.24
N ALA A 203 -11.31 1.69 15.08
CA ALA A 203 -11.03 3.10 14.73
C ALA A 203 -11.95 4.04 15.52
N ALA A 204 -13.22 3.68 15.67
CA ALA A 204 -14.12 4.62 16.33
C ALA A 204 -13.77 4.84 17.80
N TYR A 205 -13.28 3.78 18.45
CA TYR A 205 -13.03 3.80 19.90
C TYR A 205 -11.54 3.79 20.23
N ASP A 206 -10.71 3.93 19.21
CA ASP A 206 -9.25 3.95 19.34
C ASP A 206 -8.76 2.75 20.18
N LEU A 207 -9.22 1.56 19.84
CA LEU A 207 -8.84 0.33 20.58
C LEU A 207 -7.43 -0.11 20.15
N LYS A 208 -6.76 -0.85 21.02
CA LYS A 208 -5.40 -1.33 20.78
C LYS A 208 -5.47 -2.84 20.49
N VAL A 209 -5.11 -3.22 19.28
CA VAL A 209 -5.11 -4.65 18.89
C VAL A 209 -3.76 -5.22 19.27
N LEU A 210 -3.75 -6.35 19.97
CA LEU A 210 -2.49 -6.96 20.43
C LEU A 210 -1.91 -7.92 19.40
N LYS A 211 -0.58 -7.95 19.30
CA LYS A 211 0.09 -8.86 18.36
C LYS A 211 0.03 -10.29 18.89
N ASP A 212 -0.36 -11.21 18.01
CA ASP A 212 -0.40 -12.67 18.32
C ASP A 212 1.04 -13.21 18.15
N ASP A 213 1.84 -12.98 19.18
CA ASP A 213 3.28 -13.25 19.12
C ASP A 213 3.64 -14.74 19.00
N LYS A 214 2.72 -15.61 19.43
CA LYS A 214 2.93 -17.06 19.31
C LYS A 214 2.26 -17.69 18.07
N GLN A 215 1.62 -16.85 17.23
CA GLN A 215 0.89 -17.31 16.04
C GLN A 215 -0.08 -18.46 16.36
N PHE A 216 -0.86 -18.27 17.42
CA PHE A 216 -1.91 -19.20 17.77
C PHE A 216 -2.93 -19.25 16.64
N PHE A 217 -3.22 -18.08 16.04
CA PHE A 217 -4.09 -18.04 14.88
C PHE A 217 -3.32 -18.09 13.57
N PRO A 218 -3.91 -18.73 12.55
CA PRO A 218 -3.20 -18.74 11.28
C PRO A 218 -3.47 -17.39 10.60
N PRO A 219 -2.72 -17.08 9.53
CA PRO A 219 -2.95 -15.80 8.84
C PRO A 219 -4.29 -15.75 8.12
N TYR A 220 -4.84 -14.57 8.06
CA TYR A 220 -6.03 -14.30 7.29
C TYR A 220 -5.77 -13.02 6.49
N ALA A 221 -4.66 -13.04 5.76
CA ALA A 221 -4.36 -11.93 4.85
C ALA A 221 -5.46 -11.85 3.78
N ALA A 222 -5.91 -10.64 3.49
CA ALA A 222 -7.00 -10.39 2.54
C ALA A 222 -6.45 -10.04 1.15
N SER A 223 -7.06 -10.65 0.12
CA SER A 223 -6.66 -10.42 -1.28
C SER A 223 -7.86 -10.52 -2.19
N ALA A 224 -7.73 -9.96 -3.40
CA ALA A 224 -8.64 -10.26 -4.50
C ALA A 224 -8.34 -11.66 -5.05
N VAL A 225 -9.35 -12.31 -5.63
CA VAL A 225 -9.20 -13.51 -6.49
C VAL A 225 -9.87 -13.23 -7.84
N ALA A 226 -9.24 -13.67 -8.92
CA ALA A 226 -9.84 -13.58 -10.24
C ALA A 226 -9.59 -14.93 -10.94
N THR A 227 -10.52 -15.38 -11.76
CA THR A 227 -10.24 -16.58 -12.59
C THR A 227 -9.22 -16.24 -13.65
N ASN A 228 -8.38 -17.21 -13.97
CA ASN A 228 -7.40 -16.99 -15.03
C ASN A 228 -8.02 -16.94 -16.43
N GLU A 229 -9.21 -17.54 -16.58
CA GLU A 229 -9.99 -17.38 -17.81
C GLU A 229 -10.24 -15.88 -18.07
N LEU A 230 -10.66 -15.15 -17.03
CA LEU A 230 -10.91 -13.70 -17.17
C LEU A 230 -9.61 -12.95 -17.45
N LEU A 231 -8.56 -13.31 -16.71
CA LEU A 231 -7.26 -12.65 -16.85
C LEU A 231 -6.63 -12.96 -18.22
N ARG A 232 -6.94 -14.11 -18.79
CA ARG A 232 -6.45 -14.40 -20.15
C ARG A 232 -7.20 -13.61 -21.21
N GLN A 233 -8.51 -13.45 -21.01
CA GLN A 233 -9.33 -12.67 -21.90
C GLN A 233 -8.97 -11.16 -21.84
N HIS A 234 -8.71 -10.64 -20.65
CA HIS A 234 -8.38 -9.22 -20.46
C HIS A 234 -7.14 -9.06 -19.57
N PRO A 235 -5.93 -9.27 -20.15
CA PRO A 235 -4.68 -9.19 -19.38
C PRO A 235 -4.52 -7.91 -18.56
N GLU A 236 -5.14 -6.82 -19.02
N GLU A 236 -5.10 -6.80 -19.00
CA GLU A 236 -5.04 -5.51 -18.37
CA GLU A 236 -4.92 -5.52 -18.30
C GLU A 236 -5.62 -5.48 -16.97
C GLU A 236 -5.67 -5.43 -16.96
N LEU A 237 -6.56 -6.39 -16.71
CA LEU A 237 -7.23 -6.43 -15.42
C LEU A 237 -6.28 -6.89 -14.34
N LYS A 238 -5.29 -7.70 -14.69
CA LYS A 238 -4.34 -8.16 -13.67
C LYS A 238 -3.51 -6.97 -13.18
N THR A 239 -3.14 -6.08 -14.11
CA THR A 239 -2.45 -4.83 -13.76
C THR A 239 -3.34 -3.94 -12.92
N THR A 240 -4.60 -3.81 -13.33
CA THR A 240 -5.61 -3.06 -12.55
C THR A 240 -5.74 -3.56 -11.12
N ILE A 241 -6.05 -4.85 -10.95
CA ILE A 241 -6.22 -5.41 -9.62
C ILE A 241 -4.94 -5.22 -8.77
N ASN A 242 -3.78 -5.48 -9.36
CA ASN A 242 -2.50 -5.28 -8.65
C ASN A 242 -2.24 -3.86 -8.20
N LYS A 243 -2.96 -2.88 -8.74
CA LYS A 243 -2.80 -1.51 -8.26
C LYS A 243 -3.16 -1.41 -6.78
N LEU A 244 -4.04 -2.29 -6.29
CA LEU A 244 -4.49 -2.23 -4.90
C LEU A 244 -3.60 -3.04 -3.95
N THR A 245 -2.65 -3.80 -4.48
CA THR A 245 -1.78 -4.63 -3.64
C THR A 245 -0.95 -3.78 -2.66
N GLY A 246 -1.05 -4.06 -1.36
CA GLY A 246 -0.38 -3.27 -0.31
C GLY A 246 -1.00 -1.92 0.05
N LYS A 247 -2.05 -1.50 -0.66
CA LYS A 247 -2.61 -0.14 -0.45
C LYS A 247 -3.60 0.08 0.71
N ILE A 248 -3.95 -1.00 1.40
CA ILE A 248 -4.86 -0.90 2.53
C ILE A 248 -4.26 -1.59 3.73
N SER A 249 -3.66 -0.81 4.64
CA SER A 249 -3.13 -1.41 5.88
C SER A 249 -4.30 -1.88 6.74
N THR A 250 -4.01 -2.65 7.78
CA THR A 250 -5.09 -2.99 8.73
C THR A 250 -5.76 -1.75 9.37
N SER A 251 -4.96 -0.78 9.77
CA SER A 251 -5.45 0.50 10.33
C SER A 251 -6.37 1.22 9.32
N GLU A 252 -6.01 1.18 8.05
N GLU A 252 -5.99 1.16 8.07
CA GLU A 252 -6.81 1.84 7.01
CA GLU A 252 -6.76 1.75 6.99
C GLU A 252 -8.13 1.11 6.79
C GLU A 252 -8.12 1.10 6.82
N GLN A 254 -9.73 -0.60 9.04
CA GLN A 254 -10.53 -0.22 10.20
C GLN A 254 -11.22 1.13 9.95
N ARG A 255 -10.45 2.10 9.46
CA ARG A 255 -11.00 3.42 9.13
C ARG A 255 -12.07 3.38 8.05
N LEU A 256 -11.83 2.60 7.01
CA LEU A 256 -12.81 2.49 5.93
C LEU A 256 -14.06 1.82 6.44
N ASN A 257 -13.91 0.75 7.21
CA ASN A 257 -15.10 0.10 7.78
C ASN A 257 -15.91 1.06 8.65
N TYR A 258 -15.21 1.94 9.37
CA TYR A 258 -15.86 2.91 10.25
C TYR A 258 -16.73 3.85 9.42
N GLU A 259 -16.21 4.25 8.26
CA GLU A 259 -16.90 5.16 7.35
C GLU A 259 -18.26 4.55 6.96
N ALA A 260 -18.28 3.24 6.72
CA ALA A 260 -19.56 2.58 6.34
C ALA A 260 -20.46 2.22 7.53
N ASP A 261 -19.89 1.64 8.57
CA ASP A 261 -20.65 1.09 9.70
C ASP A 261 -20.94 2.08 10.82
N GLY A 262 -19.98 2.97 11.10
CA GLY A 262 -20.15 4.01 12.12
C GLY A 262 -20.73 5.31 11.56
N LYS A 263 -20.28 5.72 10.36
CA LYS A 263 -20.79 6.98 9.81
C LYS A 263 -21.95 6.73 8.83
N GLY A 264 -22.25 5.47 8.56
CA GLY A 264 -23.41 5.08 7.76
C GLY A 264 -23.32 5.37 6.26
N LYS A 265 -22.11 5.61 5.74
CA LYS A 265 -21.94 5.88 4.32
C LYS A 265 -22.10 4.58 3.51
N GLU A 266 -22.65 4.69 2.30
CA GLU A 266 -22.62 3.58 1.34
C GLU A 266 -21.18 3.05 1.05
N PRO A 267 -20.99 1.73 1.08
CA PRO A 267 -19.69 1.16 0.68
C PRO A 267 -19.19 1.68 -0.69
N ALA A 268 -20.09 1.89 -1.67
CA ALA A 268 -19.68 2.42 -2.96
C ALA A 268 -19.14 3.86 -2.85
N VAL A 269 -19.71 4.66 -1.94
CA VAL A 269 -19.23 6.01 -1.70
C VAL A 269 -17.89 5.98 -0.99
N VAL A 270 -17.74 5.11 0.02
CA VAL A 270 -16.48 4.99 0.73
C VAL A 270 -15.36 4.55 -0.26
N ALA A 271 -15.68 3.58 -1.11
CA ALA A 271 -14.72 3.08 -2.10
C ALA A 271 -14.26 4.21 -3.04
N GLU A 272 -15.21 5.00 -3.54
N GLU A 272 -15.24 4.99 -3.50
CA GLU A 272 -14.88 6.05 -4.49
CA GLU A 272 -15.05 6.07 -4.44
C GLU A 272 -14.07 7.19 -3.85
C GLU A 272 -14.16 7.19 -3.87
N GLU A 273 -14.42 7.58 -2.62
CA GLU A 273 -13.68 8.61 -1.93
C GLU A 273 -12.21 8.21 -1.71
N PHE A 274 -12.00 6.95 -1.34
CA PHE A 274 -10.66 6.37 -1.16
C PHE A 274 -9.91 6.42 -2.50
N LEU A 275 -10.55 5.97 -3.56
CA LEU A 275 -9.92 5.97 -4.87
C LEU A 275 -9.53 7.38 -5.30
N LYS A 276 -10.44 8.34 -5.08
CA LYS A 276 -10.14 9.72 -5.47
C LYS A 276 -8.97 10.29 -4.65
N LYS A 277 -8.94 9.95 -3.37
CA LYS A 277 -7.87 10.41 -2.46
C LYS A 277 -6.50 9.93 -2.96
N HIS A 278 -6.47 8.76 -3.58
CA HIS A 278 -5.23 8.22 -4.10
C HIS A 278 -5.09 8.31 -5.62
N HIS A 279 -5.89 9.16 -6.30
CA HIS A 279 -5.76 9.38 -7.75
C HIS A 279 -5.82 8.05 -8.51
N TYR A 280 -6.66 7.14 -8.02
CA TYR A 280 -6.86 5.79 -8.57
C TYR A 280 -5.56 5.02 -8.71
N PHE A 281 -4.58 5.35 -7.87
CA PHE A 281 -3.27 4.69 -7.90
C PHE A 281 -2.57 4.74 -9.27
N ASP A 282 -2.80 5.83 -9.99
CA ASP A 282 -2.22 6.05 -11.31
C ASP A 282 -0.73 6.48 -11.30
N ASP B 10 24.20 -2.74 13.85
CA ASP B 10 24.72 -1.45 13.29
C ASP B 10 24.14 -1.19 11.90
N VAL B 11 23.36 -0.13 11.80
CA VAL B 11 22.58 0.17 10.59
C VAL B 11 22.67 1.66 10.30
N LYS B 12 23.02 1.97 9.06
CA LYS B 12 23.18 3.31 8.61
C LYS B 12 22.43 3.49 7.29
N ILE B 13 21.59 4.52 7.26
CA ILE B 13 20.65 4.72 6.17
C ILE B 13 21.02 6.00 5.40
N THR B 14 21.32 5.84 4.11
CA THR B 14 21.63 6.99 3.28
C THR B 14 20.36 7.78 2.98
N ALA B 15 20.50 9.11 3.06
CA ALA B 15 19.40 10.03 2.75
C ALA B 15 19.95 11.18 1.93
N LEU B 16 19.19 11.57 0.91
CA LEU B 16 19.48 12.76 0.13
C LEU B 16 19.07 13.96 0.96
N SER B 17 19.41 15.15 0.45
CA SER B 17 18.91 16.40 1.02
C SER B 17 17.39 16.66 0.87
N THR B 18 16.71 15.82 0.11
CA THR B 18 15.29 16.08 -0.20
C THR B 18 14.42 15.63 0.97
N SER B 19 13.29 16.29 1.18
CA SER B 19 12.39 15.88 2.25
C SER B 19 11.89 14.46 2.02
N GLU B 20 11.60 14.12 0.77
CA GLU B 20 11.14 12.78 0.42
C GLU B 20 12.07 11.71 0.99
N SER B 21 13.36 11.83 0.67
CA SER B 21 14.37 10.88 1.15
C SER B 21 14.47 10.92 2.67
N GLN B 22 14.44 12.10 3.28
CA GLN B 22 14.52 12.21 4.74
C GLN B 22 13.32 11.58 5.45
N ILE B 23 12.14 11.81 4.92
CA ILE B 23 10.94 11.20 5.50
C ILE B 23 11.02 9.65 5.48
N ILE B 24 11.30 9.10 4.30
CA ILE B 24 11.32 7.66 4.11
C ILE B 24 12.45 7.04 4.93
N SER B 25 13.60 7.71 4.95
CA SER B 25 14.75 7.21 5.72
C SER B 25 14.46 7.22 7.22
N HIS B 26 13.82 8.29 7.69
CA HIS B 26 13.44 8.34 9.10
C HIS B 26 12.36 7.34 9.40
N LEU B 28 12.06 4.39 7.94
CA LEU B 28 12.80 3.13 8.10
C LEU B 28 13.50 3.06 9.43
N ARG B 29 14.08 4.19 9.86
CA ARG B 29 14.79 4.21 11.15
C ARG B 29 13.85 3.84 12.30
N LEU B 30 12.71 4.52 12.32
CA LEU B 30 11.72 4.35 13.39
C LEU B 30 11.07 2.96 13.37
N LEU B 31 10.84 2.44 12.17
CA LEU B 31 10.21 1.14 12.01
C LEU B 31 11.12 0.05 12.53
N ILE B 32 12.41 0.16 12.20
CA ILE B 32 13.43 -0.79 12.68
C ILE B 32 13.53 -0.75 14.20
N GLU B 33 13.67 0.47 14.75
CA GLU B 33 13.63 0.64 16.22
C GLU B 33 12.40 -0.01 16.82
N HIS B 34 11.25 0.21 16.18
CA HIS B 34 9.98 -0.37 16.68
C HIS B 34 9.97 -1.89 16.62
N ASP B 35 10.28 -2.45 15.45
CA ASP B 35 10.22 -3.91 15.25
C ASP B 35 11.25 -4.70 16.09
N THR B 36 12.39 -4.07 16.40
CA THR B 36 13.46 -4.70 17.20
C THR B 36 13.43 -4.29 18.68
N HIS B 37 12.38 -3.58 19.07
CA HIS B 37 12.24 -3.06 20.44
C HIS B 37 13.48 -2.28 20.92
N GLY B 38 14.11 -1.49 20.03
CA GLY B 38 15.25 -0.68 20.43
C GLY B 38 16.61 -1.37 20.35
N LYS B 39 16.61 -2.67 20.04
CA LYS B 39 17.85 -3.43 19.85
C LYS B 39 18.69 -2.90 18.71
N ILE B 40 18.01 -2.52 17.62
CA ILE B 40 18.69 -1.83 16.54
C ILE B 40 18.21 -0.37 16.46
N LYS B 41 19.18 0.54 16.56
CA LYS B 41 18.92 1.97 16.49
C LYS B 41 19.64 2.57 15.29
N PRO B 42 19.02 2.54 14.08
CA PRO B 42 19.74 3.08 12.90
C PRO B 42 20.05 4.57 13.00
N THR B 43 21.10 5.02 12.31
CA THR B 43 21.34 6.46 12.16
C THR B 43 21.34 6.77 10.67
N LEU B 44 21.16 8.05 10.32
CA LEU B 44 21.17 8.44 8.92
C LEU B 44 22.53 8.99 8.53
N VAL B 45 22.89 8.75 7.27
CA VAL B 45 24.04 9.38 6.62
C VAL B 45 23.32 10.35 5.70
N ASN B 46 23.10 11.55 6.20
CA ASN B 46 22.14 12.48 5.63
C ASN B 46 22.76 13.47 4.64
N ASN B 47 21.88 14.20 3.97
CA ASN B 47 22.24 15.27 3.03
C ASN B 47 23.21 14.86 1.93
N LEU B 48 23.07 13.65 1.40
CA LEU B 48 23.92 13.22 0.27
C LEU B 48 23.40 13.89 -1.00
N GLY B 49 24.32 14.26 -1.89
CA GLY B 49 23.99 15.05 -3.08
C GLY B 49 23.24 14.35 -4.21
N SER B 50 23.35 13.02 -4.28
CA SER B 50 22.81 12.25 -5.41
C SER B 50 22.71 10.75 -5.09
N SER B 51 21.99 10.00 -5.94
CA SER B 51 21.98 8.55 -5.75
C SER B 51 23.32 7.87 -6.10
N THR B 52 24.17 8.55 -6.87
CA THR B 52 25.54 8.04 -7.07
C THR B 52 26.26 8.03 -5.71
N ILE B 53 26.05 9.09 -4.94
CA ILE B 53 26.67 9.19 -3.62
C ILE B 53 26.05 8.18 -2.64
N GLN B 54 24.73 8.00 -2.71
CA GLN B 54 24.08 6.96 -1.92
C GLN B 54 24.66 5.62 -2.25
N HIS B 55 24.78 5.32 -3.55
CA HIS B 55 25.25 4.03 -4.04
C HIS B 55 26.69 3.78 -3.59
N ASN B 56 27.55 4.77 -3.77
CA ASN B 56 28.94 4.61 -3.37
C ASN B 56 29.09 4.34 -1.88
N ALA B 57 28.21 4.95 -1.08
CA ALA B 57 28.21 4.71 0.35
C ALA B 57 27.98 3.23 0.65
N LEU B 58 26.99 2.63 -0.01
CA LEU B 58 26.73 1.20 0.19
C LEU B 58 27.86 0.33 -0.33
N ILE B 59 28.36 0.63 -1.53
CA ILE B 59 29.48 -0.12 -2.11
C ILE B 59 30.74 -0.04 -1.22
N ASN B 60 31.00 1.12 -0.63
CA ASN B 60 32.21 1.31 0.19
C ASN B 60 32.08 0.92 1.66
N GLY B 61 30.89 0.51 2.08
CA GLY B 61 30.64 0.04 3.45
C GLY B 61 30.35 1.19 4.41
N ASP B 62 30.11 2.37 3.86
CA ASP B 62 29.84 3.56 4.67
C ASP B 62 28.42 3.59 5.21
N ALA B 63 27.55 2.82 4.58
CA ALA B 63 26.18 2.64 5.02
C ALA B 63 25.69 1.32 4.44
N ASN B 64 24.56 0.82 4.94
CA ASN B 64 24.05 -0.46 4.43
C ASN B 64 22.59 -0.46 4.00
N ILE B 65 21.91 0.70 4.07
CA ILE B 65 20.52 0.82 3.55
C ILE B 65 20.45 2.18 2.87
N SER B 66 19.78 2.28 1.70
CA SER B 66 19.33 3.57 1.18
C SER B 66 17.82 3.68 1.39
N GLY B 67 17.37 4.77 2.01
CA GLY B 67 15.97 4.91 2.35
C GLY B 67 15.14 4.88 1.06
N VAL B 68 15.59 5.63 0.06
CA VAL B 68 14.90 5.63 -1.21
C VAL B 68 15.84 5.68 -2.41
N ARG B 69 15.59 4.79 -3.35
CA ARG B 69 16.28 4.74 -4.61
C ARG B 69 15.20 4.64 -5.68
N TYR B 70 15.51 5.14 -6.88
CA TYR B 70 14.55 5.17 -7.97
C TYR B 70 15.04 4.28 -9.11
N ASN B 71 14.22 3.31 -9.53
CA ASN B 71 14.72 2.27 -10.42
C ASN B 71 15.28 2.78 -11.75
N GLY B 72 14.60 3.73 -12.37
CA GLY B 72 15.08 4.30 -13.64
C GLY B 72 16.42 4.99 -13.53
N THR B 73 16.68 5.59 -12.37
CA THR B 73 17.97 6.23 -12.10
C THR B 73 19.07 5.19 -11.94
N ASP B 74 18.79 4.15 -11.16
CA ASP B 74 19.80 3.16 -10.81
C ASP B 74 20.04 2.11 -11.91
N LEU B 75 19.04 1.91 -12.77
CA LEU B 75 19.19 1.01 -13.90
C LEU B 75 20.21 1.54 -14.91
N THR B 76 20.10 2.83 -15.25
CA THR B 76 21.01 3.45 -16.23
C THR B 76 22.23 4.08 -15.56
N GLY B 77 22.17 4.30 -14.25
CA GLY B 77 23.28 4.87 -13.50
C GLY B 77 24.13 3.78 -12.92
N ALA B 78 23.87 3.42 -11.66
CA ALA B 78 24.66 2.40 -10.97
C ALA B 78 24.87 1.12 -11.81
N LEU B 79 23.81 0.62 -12.44
CA LEU B 79 23.90 -0.63 -13.21
C LEU B 79 24.45 -0.48 -14.63
N LYS B 80 24.51 0.77 -15.12
CA LYS B 80 25.02 1.08 -16.47
C LYS B 80 24.33 0.28 -17.58
N GLU B 81 23.02 0.10 -17.45
CA GLU B 81 22.25 -0.64 -18.47
C GLU B 81 21.43 0.34 -19.31
N ALA B 82 20.84 -0.14 -20.41
CA ALA B 82 19.91 0.65 -21.22
C ALA B 82 18.59 0.86 -20.49
N PRO B 83 17.94 2.04 -20.67
CA PRO B 83 16.65 2.18 -20.01
C PRO B 83 15.59 1.22 -20.56
N ILE B 84 14.66 0.80 -19.71
CA ILE B 84 13.51 -0.03 -20.09
C ILE B 84 12.24 0.78 -19.80
N LYS B 85 11.34 0.92 -20.78
CA LYS B 85 10.11 1.72 -20.60
C LYS B 85 9.04 1.03 -19.77
N ASP B 86 8.87 -0.29 -19.95
CA ASP B 86 7.81 -1.04 -19.27
C ASP B 86 8.06 -1.14 -17.77
N PRO B 87 7.07 -0.70 -16.93
CA PRO B 87 7.25 -0.71 -15.47
C PRO B 87 7.75 -2.06 -14.89
N LYS B 88 7.05 -3.15 -15.22
CA LYS B 88 7.40 -4.45 -14.63
C LYS B 88 8.78 -4.94 -15.04
N LYS B 89 9.12 -4.84 -16.33
CA LYS B 89 10.40 -5.33 -16.80
C LYS B 89 11.59 -4.45 -16.34
N ALA B 90 11.36 -3.14 -16.19
CA ALA B 90 12.41 -2.26 -15.68
C ALA B 90 12.74 -2.62 -14.24
N ILE B 92 12.26 -5.59 -12.66
CA ILE B 92 12.90 -6.91 -12.63
C ILE B 92 14.38 -6.78 -12.99
N ALA B 93 14.69 -6.04 -14.06
CA ALA B 93 16.07 -5.84 -14.47
C ALA B 93 16.84 -5.15 -13.36
N THR B 94 16.22 -4.17 -12.71
CA THR B 94 16.88 -3.46 -11.62
C THR B 94 17.19 -4.39 -10.45
N GLN B 95 16.21 -5.19 -10.03
CA GLN B 95 16.37 -6.09 -8.90
C GLN B 95 17.39 -7.18 -9.21
N GLN B 96 17.29 -7.78 -10.39
CA GLN B 96 18.31 -8.79 -10.77
C GLN B 96 19.73 -8.21 -10.77
N GLY B 97 19.86 -7.00 -11.31
CA GLY B 97 21.14 -6.34 -11.43
C GLY B 97 21.76 -6.03 -10.09
N PHE B 98 20.98 -5.41 -9.20
CA PHE B 98 21.48 -5.11 -7.85
C PHE B 98 21.94 -6.37 -7.11
N LYS B 99 21.22 -7.48 -7.32
CA LYS B 99 21.65 -8.74 -6.73
C LYS B 99 22.96 -9.23 -7.32
N LYS B 100 22.98 -9.36 -8.64
CA LYS B 100 24.15 -9.94 -9.31
C LYS B 100 25.40 -9.06 -9.22
N LYS B 101 25.25 -7.74 -9.45
CA LYS B 101 26.41 -6.87 -9.51
C LYS B 101 26.89 -6.41 -8.14
N PHE B 102 25.97 -6.16 -7.21
CA PHE B 102 26.33 -5.53 -5.91
C PHE B 102 25.97 -6.31 -4.67
N ASP B 103 25.36 -7.49 -4.83
CA ASP B 103 24.89 -8.32 -3.71
C ASP B 103 23.96 -7.49 -2.81
N GLN B 104 23.04 -6.75 -3.45
CA GLN B 104 22.09 -5.91 -2.74
C GLN B 104 20.67 -6.29 -3.11
N THR B 105 19.74 -5.96 -2.22
CA THR B 105 18.34 -6.15 -2.53
C THR B 105 17.71 -4.82 -2.80
N PHE B 106 17.23 -4.67 -4.03
CA PHE B 106 16.42 -3.50 -4.41
C PHE B 106 14.97 -3.99 -4.17
N PHE B 107 14.30 -3.43 -3.16
CA PHE B 107 13.01 -3.96 -2.74
C PHE B 107 11.93 -3.64 -3.75
N ASP B 108 10.82 -4.40 -3.70
CA ASP B 108 9.62 -4.00 -4.42
C ASP B 108 9.29 -2.57 -3.99
N SER B 109 8.65 -1.81 -4.89
CA SER B 109 8.37 -0.40 -4.65
C SER B 109 7.52 -0.09 -3.43
N TYR B 110 7.83 1.02 -2.77
CA TYR B 110 6.92 1.64 -1.79
C TYR B 110 5.50 1.88 -2.33
N GLY B 111 5.39 2.09 -3.64
CA GLY B 111 4.10 2.20 -4.29
C GLY B 111 4.00 3.53 -5.03
N PHE B 112 5.05 4.35 -4.97
CA PHE B 112 5.06 5.58 -5.73
C PHE B 112 6.23 5.65 -6.74
N ALA B 113 6.07 6.56 -7.68
CA ALA B 113 7.12 6.88 -8.63
C ALA B 113 7.41 8.37 -8.55
N ASN B 114 8.68 8.73 -8.59
CA ASN B 114 9.07 10.12 -8.59
C ASN B 114 9.74 10.45 -9.92
N THR B 115 8.95 10.99 -10.85
CA THR B 115 9.39 11.21 -12.23
C THR B 115 9.03 12.63 -12.69
N TYR B 116 9.74 13.09 -13.71
CA TYR B 116 9.24 14.22 -14.48
C TYR B 116 7.83 13.81 -14.97
N ALA B 117 6.91 14.75 -14.91
CA ALA B 117 5.55 14.51 -15.32
C ALA B 117 4.93 15.84 -15.68
N PHE B 118 4.17 15.84 -16.78
CA PHE B 118 3.36 17.00 -17.12
C PHE B 118 2.20 17.17 -16.19
N VAL B 120 -1.02 20.12 -14.68
CA VAL B 120 -1.83 21.34 -14.88
C VAL B 120 -2.66 21.64 -13.62
N THR B 121 -3.32 22.78 -13.55
CA THR B 121 -4.25 23.00 -12.45
C THR B 121 -5.57 22.23 -12.68
N LYS B 122 -6.34 22.03 -11.63
CA LYS B 122 -7.66 21.39 -11.78
C LYS B 122 -8.59 22.14 -12.77
N GLU B 123 -8.47 23.46 -12.81
CA GLU B 123 -9.28 24.29 -13.73
C GLU B 123 -8.87 24.05 -15.19
N THR B 124 -7.56 23.96 -15.44
CA THR B 124 -7.08 23.69 -16.78
C THR B 124 -7.48 22.25 -17.20
N ALA B 125 -7.29 21.31 -16.29
CA ALA B 125 -7.72 19.93 -16.55
C ALA B 125 -9.21 19.84 -16.91
N LYS B 126 -10.03 20.66 -16.25
N LYS B 126 -10.05 20.63 -16.23
CA LYS B 126 -11.46 20.64 -16.49
CA LYS B 126 -11.48 20.63 -16.53
C LYS B 126 -11.80 21.32 -17.82
C LYS B 126 -11.81 21.33 -17.84
N LYS B 127 -11.09 22.41 -18.13
CA LYS B 127 -11.32 23.19 -19.34
C LYS B 127 -11.04 22.38 -20.61
N TYR B 128 -9.93 21.65 -20.60
CA TYR B 128 -9.47 20.96 -21.79
C TYR B 128 -9.65 19.45 -21.67
N HIS B 129 -10.36 19.02 -20.63
CA HIS B 129 -10.60 17.60 -20.32
C HIS B 129 -9.33 16.77 -20.41
N LEU B 130 -8.35 17.09 -19.56
CA LEU B 130 -7.03 16.52 -19.64
C LEU B 130 -6.86 15.36 -18.67
N GLU B 131 -6.46 14.21 -19.18
CA GLU B 131 -6.06 13.07 -18.34
C GLU B 131 -4.67 12.55 -18.69
N THR B 132 -4.33 12.59 -19.96
CA THR B 132 -3.04 12.05 -20.41
C THR B 132 -2.24 13.16 -21.07
N VAL B 133 -0.96 12.89 -21.33
CA VAL B 133 -0.13 13.87 -22.07
C VAL B 133 -0.67 14.10 -23.48
N SER B 134 -1.11 13.03 -24.12
CA SER B 134 -1.67 13.15 -25.48
C SER B 134 -2.91 14.05 -25.52
N ASP B 135 -3.64 14.18 -24.40
CA ASP B 135 -4.84 15.01 -24.35
C ASP B 135 -4.51 16.49 -24.59
N LEU B 136 -3.23 16.86 -24.41
CA LEU B 136 -2.75 18.21 -24.71
C LEU B 136 -2.68 18.55 -26.20
N ALA B 137 -2.67 17.53 -27.06
CA ALA B 137 -2.30 17.69 -28.47
C ALA B 137 -3.00 18.84 -29.20
N LYS B 138 -4.31 18.95 -29.06
CA LYS B 138 -5.01 19.96 -29.85
C LYS B 138 -4.99 21.38 -29.27
N HIS B 139 -4.56 21.50 -28.02
CA HIS B 139 -4.56 22.79 -27.30
C HIS B 139 -3.18 23.41 -27.06
N SER B 140 -2.16 22.58 -27.15
CA SER B 140 -0.79 22.95 -26.76
C SER B 140 -0.28 24.17 -27.53
N LYS B 141 -0.72 24.35 -28.77
CA LYS B 141 -0.30 25.50 -29.59
C LYS B 141 -0.67 26.84 -28.94
N ASP B 142 -1.67 26.80 -28.06
CA ASP B 142 -2.11 28.01 -27.35
C ASP B 142 -1.74 28.02 -25.87
N LEU B 143 -0.89 27.09 -25.43
CA LEU B 143 -0.55 26.93 -24.01
C LEU B 143 0.92 27.32 -23.72
N ARG B 144 1.18 27.69 -22.48
CA ARG B 144 2.50 28.07 -21.98
C ARG B 144 3.03 26.90 -21.14
N LEU B 145 4.19 26.35 -21.52
CA LEU B 145 4.84 25.28 -20.76
C LEU B 145 6.05 25.82 -19.99
N GLY B 146 6.20 25.40 -18.73
CA GLY B 146 7.40 25.69 -17.92
C GLY B 146 8.06 24.35 -17.67
N ASP B 148 12.18 22.47 -16.28
CA ASP B 148 13.55 22.67 -15.83
C ASP B 148 14.46 23.10 -16.99
N SER B 149 15.28 24.12 -16.77
CA SER B 149 16.26 24.51 -17.80
C SER B 149 17.20 23.38 -18.31
N SER B 150 17.52 22.38 -17.50
CA SER B 150 18.36 21.25 -17.99
C SER B 150 17.62 20.35 -18.99
N TRP B 151 16.29 20.40 -18.94
CA TRP B 151 15.48 19.61 -19.87
C TRP B 151 15.42 20.16 -21.29
N ASN B 153 17.85 20.89 -23.15
CA ASN B 153 18.89 20.23 -23.98
C ASN B 153 18.89 18.69 -24.03
N ARG B 154 18.61 18.04 -22.88
CA ARG B 154 18.75 16.57 -22.74
C ARG B 154 18.31 15.75 -23.96
N GLY B 156 18.37 12.47 -26.86
CA GLY B 156 17.05 13.09 -26.95
C GLY B 156 16.03 12.59 -25.94
N ASP B 157 16.33 12.77 -24.66
CA ASP B 157 15.36 12.52 -23.59
C ASP B 157 14.73 13.84 -23.13
N GLY B 158 14.99 14.90 -23.90
CA GLY B 158 14.52 16.26 -23.57
C GLY B 158 13.40 16.74 -24.48
N TYR B 159 13.23 18.07 -24.54
CA TYR B 159 12.11 18.69 -25.24
C TYR B 159 12.06 18.32 -26.72
N GLU B 160 13.21 18.34 -27.39
CA GLU B 160 13.27 17.94 -28.79
C GLU B 160 12.73 16.52 -28.98
N GLY B 161 13.23 15.59 -28.18
CA GLY B 161 12.76 14.21 -28.21
C GLY B 161 11.27 14.12 -27.93
N PHE B 162 10.80 14.92 -26.97
CA PHE B 162 9.39 14.91 -26.58
C PHE B 162 8.46 15.26 -27.75
N LYS B 163 8.82 16.33 -28.48
CA LYS B 163 8.03 16.82 -29.62
C LYS B 163 7.93 15.75 -30.71
N LYS B 164 9.03 15.03 -30.91
CA LYS B 164 9.10 13.95 -31.89
C LYS B 164 8.20 12.78 -31.48
N GLU B 165 8.26 12.40 -30.21
CA GLU B 165 7.51 11.27 -29.70
C GLU B 165 6.00 11.56 -29.64
N TYR B 166 5.62 12.69 -29.01
CA TYR B 166 4.22 13.03 -28.81
C TYR B 166 3.54 13.75 -29.98
N GLY B 167 4.33 14.38 -30.84
CA GLY B 167 3.80 14.92 -32.09
C GLY B 167 3.17 16.31 -31.98
N PHE B 168 3.38 16.99 -30.85
CA PHE B 168 2.93 18.40 -30.73
C PHE B 168 3.93 19.31 -30.02
N ASP B 169 3.69 20.62 -30.08
N ASP B 169 3.64 20.61 -30.05
CA ASP B 169 4.58 21.58 -29.44
CA ASP B 169 4.53 21.65 -29.56
C ASP B 169 3.76 22.67 -28.78
C ASP B 169 3.74 22.56 -28.65
N PHE B 170 4.41 23.43 -27.92
CA PHE B 170 3.75 24.47 -27.12
C PHE B 170 3.89 25.88 -27.71
N GLY B 171 2.86 26.70 -27.52
CA GLY B 171 2.83 28.06 -28.05
C GLY B 171 3.95 28.91 -27.46
N THR B 172 4.24 28.67 -26.18
CA THR B 172 5.31 29.32 -25.44
C THR B 172 6.00 28.27 -24.58
N VAL B 173 7.33 28.30 -24.54
CA VAL B 173 8.10 27.51 -23.57
C VAL B 173 8.96 28.42 -22.65
N ARG B 174 9.05 28.04 -21.39
CA ARG B 174 9.76 28.81 -20.39
C ARG B 174 10.69 27.88 -19.59
N PRO B 175 11.97 27.76 -19.99
CA PRO B 175 12.94 26.99 -19.21
C PRO B 175 13.26 27.76 -17.94
N GLN B 177 13.82 27.32 -13.14
CA GLN B 177 14.14 26.41 -12.03
C GLN B 177 12.91 25.53 -11.73
N ILE B 178 13.12 24.23 -11.66
CA ILE B 178 11.99 23.29 -11.54
C ILE B 178 11.20 23.55 -10.25
N GLY B 179 11.91 23.95 -9.19
CA GLY B 179 11.28 24.27 -7.90
C GLY B 179 10.23 25.37 -7.98
N LEU B 180 10.34 26.21 -9.00
CA LEU B 180 9.38 27.30 -9.19
C LEU B 180 8.13 27.00 -10.06
N VAL B 181 8.03 25.83 -10.68
CA VAL B 181 6.94 25.55 -11.66
C VAL B 181 5.53 25.46 -11.04
N TYR B 182 5.49 24.95 -9.81
CA TYR B 182 4.23 24.62 -9.12
C TYR B 182 3.50 25.90 -8.79
N ASP B 183 4.24 26.85 -8.23
CA ASP B 183 3.71 28.20 -8.02
C ASP B 183 3.38 28.97 -9.32
N ALA B 184 4.24 28.85 -10.32
CA ALA B 184 3.94 29.48 -11.63
C ALA B 184 2.63 28.92 -12.19
N LEU B 185 2.45 27.62 -12.06
CA LEU B 185 1.18 26.99 -12.47
C LEU B 185 0.00 27.48 -11.62
N ASN B 186 0.18 27.50 -10.31
CA ASN B 186 -0.87 27.91 -9.38
C ASN B 186 -1.34 29.35 -9.61
N THR B 187 -0.43 30.20 -10.08
CA THR B 187 -0.77 31.61 -10.24
C THR B 187 -1.02 31.99 -11.70
N GLU B 188 -1.15 30.96 -12.54
CA GLU B 188 -1.53 31.12 -13.95
C GLU B 188 -0.47 31.86 -14.77
N LYS B 189 0.82 31.65 -14.42
CA LYS B 189 1.94 32.15 -15.24
C LYS B 189 2.34 31.08 -16.26
N LEU B 190 1.88 29.86 -16.05
CA LEU B 190 2.06 28.76 -16.96
C LEU B 190 0.70 28.09 -17.06
N ASP B 191 0.49 27.36 -18.15
CA ASP B 191 -0.69 26.51 -18.30
C ASP B 191 -0.35 25.06 -18.01
N VAL B 192 0.89 24.68 -18.32
CA VAL B 192 1.40 23.32 -18.12
C VAL B 192 2.84 23.40 -17.56
N ALA B 193 3.20 22.45 -16.69
CA ALA B 193 4.55 22.36 -16.15
C ALA B 193 5.05 20.93 -16.25
N LEU B 194 6.34 20.80 -16.49
CA LEU B 194 6.99 19.52 -16.32
C LEU B 194 7.64 19.58 -14.93
N GLY B 195 7.00 18.94 -13.97
CA GLY B 195 7.48 19.02 -12.54
C GLY B 195 7.82 17.62 -12.10
N TYR B 196 8.16 17.45 -10.83
CA TYR B 196 8.35 16.11 -10.28
C TYR B 196 7.02 15.62 -9.72
N SER B 197 6.69 14.38 -10.04
CA SER B 197 5.38 13.77 -9.68
C SER B 197 5.08 13.59 -8.19
N THR B 198 6.05 13.71 -7.29
CA THR B 198 5.71 13.60 -5.87
C THR B 198 5.82 14.92 -5.08
N ASP B 199 6.04 16.05 -5.75
CA ASP B 199 6.18 17.33 -5.05
C ASP B 199 4.95 17.68 -4.22
N GLY B 200 5.17 18.14 -2.99
CA GLY B 200 4.11 18.39 -2.04
C GLY B 200 3.13 19.45 -2.50
N ARG B 201 3.59 20.33 -3.38
CA ARG B 201 2.73 21.40 -3.90
C ARG B 201 1.66 20.84 -4.82
N ILE B 202 1.84 19.62 -5.31
CA ILE B 202 0.78 18.93 -6.07
C ILE B 202 -0.40 18.71 -5.13
N ALA B 203 -0.10 18.28 -3.89
CA ALA B 203 -1.12 18.12 -2.83
C ALA B 203 -1.71 19.46 -2.42
N ALA B 204 -0.86 20.45 -2.17
CA ALA B 204 -1.29 21.72 -1.59
C ALA B 204 -2.17 22.50 -2.54
N TYR B 205 -1.87 22.41 -3.83
CA TYR B 205 -2.57 23.18 -4.85
C TYR B 205 -3.54 22.37 -5.69
N ASP B 206 -3.74 21.12 -5.32
CA ASP B 206 -4.65 20.20 -6.02
C ASP B 206 -4.33 20.14 -7.53
N LEU B 207 -3.07 20.00 -7.87
CA LEU B 207 -2.67 19.92 -9.28
C LEU B 207 -3.00 18.53 -9.87
N LYS B 208 -3.20 18.52 -11.19
CA LYS B 208 -3.53 17.34 -11.94
C LYS B 208 -2.30 16.91 -12.74
N VAL B 209 -1.78 15.75 -12.38
CA VAL B 209 -0.65 15.15 -13.03
C VAL B 209 -1.13 14.24 -14.15
N LEU B 210 -0.63 14.49 -15.37
CA LEU B 210 -1.11 13.76 -16.53
C LEU B 210 -0.34 12.46 -16.75
N LYS B 211 -1.04 11.44 -17.24
CA LYS B 211 -0.42 10.15 -17.52
C LYS B 211 0.45 10.22 -18.76
N ASP B 212 1.66 9.71 -18.65
CA ASP B 212 2.61 9.59 -19.77
C ASP B 212 2.17 8.38 -20.61
N ASP B 213 1.16 8.57 -21.46
CA ASP B 213 0.55 7.46 -22.22
C ASP B 213 1.49 6.80 -23.24
N LYS B 214 2.49 7.52 -23.72
CA LYS B 214 3.46 6.96 -24.65
C LYS B 214 4.73 6.45 -23.96
N GLN B 215 4.78 6.56 -22.63
CA GLN B 215 5.98 6.17 -21.87
C GLN B 215 7.26 6.80 -22.46
N PHE B 216 7.20 8.11 -22.69
CA PHE B 216 8.37 8.88 -23.06
C PHE B 216 9.43 8.79 -21.95
N PHE B 217 8.97 8.87 -20.70
CA PHE B 217 9.83 8.71 -19.54
C PHE B 217 9.87 7.30 -19.06
N PRO B 218 11.07 6.84 -18.69
CA PRO B 218 11.19 5.54 -18.09
C PRO B 218 10.61 5.59 -16.67
N PRO B 219 10.42 4.41 -16.05
CA PRO B 219 9.85 4.40 -14.71
C PRO B 219 10.89 4.85 -13.69
N TYR B 220 10.40 5.46 -12.61
CA TYR B 220 11.23 5.83 -11.50
C TYR B 220 10.47 5.42 -10.24
N ALA B 221 10.08 4.15 -10.21
CA ALA B 221 9.45 3.61 -9.00
C ALA B 221 10.48 3.68 -7.86
N ALA B 222 10.01 4.06 -6.66
CA ALA B 222 10.89 4.26 -5.50
C ALA B 222 10.85 3.03 -4.61
N SER B 223 12.03 2.63 -4.12
CA SER B 223 12.17 1.46 -3.25
C SER B 223 13.29 1.68 -2.26
N ALA B 224 13.27 0.89 -1.20
CA ALA B 224 14.42 0.78 -0.31
C ALA B 224 15.48 -0.09 -1.00
N VAL B 225 16.74 0.08 -0.62
CA VAL B 225 17.82 -0.86 -0.98
C VAL B 225 18.57 -1.20 0.31
N ALA B 226 18.96 -2.46 0.46
CA ALA B 226 19.75 -2.92 1.62
C ALA B 226 20.81 -3.84 1.06
N THR B 227 22.00 -3.79 1.68
CA THR B 227 23.05 -4.75 1.33
C THR B 227 22.61 -6.07 1.88
N ASN B 228 22.98 -7.13 1.16
CA ASN B 228 22.67 -8.47 1.61
C ASN B 228 23.50 -8.90 2.82
N GLU B 229 24.71 -8.34 2.95
CA GLU B 229 25.49 -8.54 4.16
C GLU B 229 24.66 -8.18 5.41
N LEU B 230 24.00 -7.02 5.38
CA LEU B 230 23.18 -6.61 6.50
C LEU B 230 22.00 -7.56 6.68
N LEU B 231 21.36 -7.92 5.57
CA LEU B 231 20.20 -8.79 5.62
C LEU B 231 20.55 -10.17 6.15
N ARG B 232 21.79 -10.64 5.92
CA ARG B 232 22.20 -11.93 6.51
C ARG B 232 22.47 -11.83 8.01
N GLN B 233 23.12 -10.76 8.41
CA GLN B 233 23.39 -10.51 9.81
C GLN B 233 22.08 -10.36 10.61
N HIS B 234 21.07 -9.77 9.97
CA HIS B 234 19.80 -9.45 10.61
C HIS B 234 18.61 -9.74 9.68
N PRO B 235 18.27 -11.04 9.49
CA PRO B 235 17.21 -11.50 8.56
C PRO B 235 15.84 -10.86 8.82
N GLU B 236 15.57 -10.56 10.10
N GLU B 236 15.53 -10.55 10.08
CA GLU B 236 14.36 -9.86 10.54
CA GLU B 236 14.26 -9.91 10.43
C GLU B 236 14.11 -8.57 9.74
C GLU B 236 14.08 -8.52 9.80
N LEU B 237 15.20 -7.88 9.41
CA LEU B 237 15.15 -6.57 8.76
C LEU B 237 14.49 -6.59 7.38
N LYS B 238 14.62 -7.71 6.68
CA LYS B 238 13.97 -7.90 5.40
C LYS B 238 12.43 -7.85 5.56
N THR B 239 11.94 -8.56 6.58
CA THR B 239 10.52 -8.51 6.94
C THR B 239 10.11 -7.08 7.32
N THR B 240 10.92 -6.42 8.12
CA THR B 240 10.68 -5.03 8.50
C THR B 240 10.56 -4.10 7.29
N ILE B 241 11.58 -4.10 6.41
CA ILE B 241 11.56 -3.22 5.23
C ILE B 241 10.36 -3.51 4.34
N ASN B 242 10.04 -4.80 4.16
CA ASN B 242 8.89 -5.20 3.39
C ASN B 242 7.54 -4.77 3.91
N LYS B 243 7.46 -4.34 5.17
CA LYS B 243 6.20 -3.90 5.71
C LYS B 243 5.78 -2.63 4.96
N LEU B 244 6.74 -1.87 4.45
CA LEU B 244 6.46 -0.64 3.71
C LEU B 244 6.16 -0.84 2.24
N THR B 245 6.32 -2.06 1.73
CA THR B 245 6.14 -2.34 0.30
C THR B 245 4.69 -2.07 -0.13
N GLY B 246 4.52 -1.24 -1.16
CA GLY B 246 3.20 -0.91 -1.67
C GLY B 246 2.38 0.02 -0.80
N LYS B 247 2.93 0.45 0.34
CA LYS B 247 2.13 1.20 1.31
C LYS B 247 1.96 2.69 1.07
N ILE B 248 2.77 3.29 0.19
CA ILE B 248 2.76 4.75 -0.03
C ILE B 248 2.48 5.02 -1.49
N SER B 249 1.25 5.38 -1.82
CA SER B 249 0.89 5.76 -3.19
C SER B 249 1.57 7.08 -3.58
N THR B 250 1.56 7.40 -4.87
CA THR B 250 2.04 8.71 -5.31
C THR B 250 1.34 9.87 -4.59
N SER B 251 0.01 9.79 -4.50
CA SER B 251 -0.80 10.80 -3.80
C SER B 251 -0.37 10.92 -2.35
N GLU B 252 -0.12 9.78 -1.70
CA GLU B 252 0.31 9.84 -0.31
C GLU B 252 1.68 10.48 -0.15
N GLN B 254 2.95 12.70 -2.10
CA GLN B 254 2.74 14.15 -2.25
C GLN B 254 2.29 14.77 -0.94
N ARG B 255 1.31 14.15 -0.28
CA ARG B 255 0.86 14.66 1.01
C ARG B 255 1.95 14.73 2.07
N LEU B 256 2.75 13.67 2.17
CA LEU B 256 3.81 13.59 3.17
C LEU B 256 4.85 14.66 2.87
N ASN B 257 5.21 14.79 1.60
CA ASN B 257 6.13 15.91 1.24
C ASN B 257 5.59 17.26 1.63
N TYR B 258 4.28 17.48 1.49
N TYR B 258 4.28 17.45 1.49
CA TYR B 258 3.74 18.77 1.85
CA TYR B 258 3.63 18.72 1.84
C TYR B 258 3.85 19.02 3.35
C TYR B 258 3.73 19.02 3.33
N GLU B 259 3.66 17.98 4.15
CA GLU B 259 3.77 18.09 5.60
C GLU B 259 5.15 18.68 5.96
N ALA B 260 6.19 18.23 5.27
CA ALA B 260 7.54 18.71 5.55
C ALA B 260 7.86 20.07 4.87
N ASP B 261 7.60 20.16 3.56
CA ASP B 261 7.98 21.34 2.77
C ASP B 261 7.03 22.51 2.88
N GLY B 262 5.74 22.21 2.93
CA GLY B 262 4.71 23.25 2.94
C GLY B 262 4.29 23.61 4.35
N LYS B 263 4.24 22.62 5.24
CA LYS B 263 3.85 22.85 6.64
C LYS B 263 5.07 23.00 7.57
N GLY B 264 6.26 22.74 7.04
CA GLY B 264 7.52 23.01 7.75
C GLY B 264 7.89 21.99 8.82
N LYS B 265 7.13 20.91 8.91
CA LYS B 265 7.39 19.84 9.89
C LYS B 265 8.71 19.10 9.63
N GLU B 266 9.39 18.70 10.70
CA GLU B 266 10.59 17.85 10.56
C GLU B 266 10.27 16.54 9.86
N PRO B 267 11.14 16.09 8.93
CA PRO B 267 10.87 14.79 8.32
C PRO B 267 10.69 13.62 9.32
N ALA B 268 11.46 13.61 10.40
CA ALA B 268 11.30 12.59 11.46
C ALA B 268 9.90 12.59 12.09
N VAL B 269 9.33 13.78 12.26
CA VAL B 269 7.99 13.94 12.82
C VAL B 269 6.93 13.47 11.80
N VAL B 270 7.08 13.87 10.55
CA VAL B 270 6.20 13.36 9.48
C VAL B 270 6.25 11.79 9.41
N ALA B 271 7.45 11.23 9.44
CA ALA B 271 7.63 9.77 9.41
C ALA B 271 6.90 9.07 10.57
N GLU B 272 7.14 9.58 11.79
CA GLU B 272 6.54 9.01 13.00
C GLU B 272 5.01 9.11 12.97
N GLU B 273 4.49 10.27 12.55
CA GLU B 273 3.05 10.46 12.50
C GLU B 273 2.38 9.46 11.55
N PHE B 274 3.03 9.24 10.41
CA PHE B 274 2.55 8.27 9.40
C PHE B 274 2.60 6.82 9.95
N LEU B 275 3.68 6.50 10.63
CA LEU B 275 3.83 5.19 11.23
C LEU B 275 2.74 4.95 12.27
N LYS B 276 2.53 5.95 13.14
CA LYS B 276 1.52 5.85 14.18
C LYS B 276 0.11 5.69 13.59
N LYS B 277 -0.16 6.45 12.53
CA LYS B 277 -1.46 6.37 11.84
C LYS B 277 -1.77 4.93 11.34
N HIS B 278 -0.71 4.19 10.97
CA HIS B 278 -0.87 2.87 10.40
C HIS B 278 -0.44 1.75 11.35
N HIS B 279 -0.31 2.09 12.64
CA HIS B 279 0.02 1.12 13.72
C HIS B 279 1.28 0.34 13.33
N TYR B 280 2.23 1.05 12.69
CA TYR B 280 3.54 0.49 12.31
C TYR B 280 3.38 -0.71 11.39
N PHE B 281 2.28 -0.75 10.65
CA PHE B 281 1.98 -1.84 9.70
C PHE B 281 2.08 -3.24 10.35
N ASP B 282 1.72 -3.30 11.63
CA ASP B 282 1.69 -4.54 12.41
C ASP B 282 0.50 -5.44 12.09
#